data_4U44
#
_entry.id   4U44
#
_cell.length_a   80.239
_cell.length_b   87.975
_cell.length_c   92.392
_cell.angle_alpha   90.000
_cell.angle_beta   90.000
_cell.angle_gamma   90.000
#
_symmetry.space_group_name_H-M   'P 21 21 21'
#
loop_
_entity.id
_entity.type
_entity.pdbx_description
1 polymer 'Mitogen-activated protein kinase kinase kinase kinase 4'
2 non-polymer '2-(N-MORPHOLINO)-ETHANESULFONIC ACID'
3 non-polymer 'SODIUM ION'
4 non-polymer 6-phenyl-N-(pyridin-4-yl)pyrrolo[2,1-f][1,2,4]triazin-4-amine
5 water water
#
_entity_poly.entity_id   1
_entity_poly.type   'polypeptide(L)'
_entity_poly.pdbx_seq_one_letter_code
;GSANDSPAKSLVDIDLSSLRDPAGIFELVEVVGNGTYGQVYKGRHVKTGQLAAIKVMDVTEDEEEEIKLEINMLKKYSHH
RNIATYYGAFIKKSPPGHDDQLWLVMEFCGAGSITDLVKNTKGNTLKEDWIAYISREILRGLAHLHIHHVIHRDIKGQNV
LLTENAEVKLVDFGVSAQLDRTVGRRNTFIGTPYWMAPEVIACDENPDATYDYRSDLWSCGITAIEMAEGAPPLCDMHPM
RALFLIPRNPPPRLKSKKWSKKFFSFIEGCLVKNYMQRPSTEQLLKHPFIRDQPNERQVRIQLKDHIDRTRKKRGEKDET
EYEYSGSEEGNS
;
_entity_poly.pdbx_strand_id   A,B
#
# COMPACT_ATOMS: atom_id res chain seq x y z
N ASP A 13 -20.17 -10.09 -19.33
CA ASP A 13 -19.36 -9.80 -18.15
C ASP A 13 -19.63 -10.78 -17.02
N ILE A 14 -18.64 -10.97 -16.16
CA ILE A 14 -18.73 -11.93 -15.07
C ILE A 14 -19.68 -11.44 -13.96
N ASP A 15 -20.33 -12.38 -13.30
CA ASP A 15 -21.15 -12.08 -12.13
C ASP A 15 -20.64 -12.89 -10.94
N LEU A 16 -20.35 -12.21 -9.84
CA LEU A 16 -19.71 -12.83 -8.68
C LEU A 16 -20.49 -13.98 -8.08
N SER A 17 -21.81 -13.99 -8.30
CA SER A 17 -22.68 -15.03 -7.75
C SER A 17 -22.43 -16.42 -8.35
N SER A 18 -22.22 -16.46 -9.66
CA SER A 18 -22.10 -17.74 -10.37
C SER A 18 -20.78 -18.47 -10.09
N LEU A 19 -19.83 -17.76 -9.51
CA LEU A 19 -18.49 -18.32 -9.32
C LEU A 19 -18.50 -19.47 -8.31
N ARG A 20 -17.75 -20.52 -8.63
CA ARG A 20 -17.70 -21.72 -7.81
C ARG A 20 -16.67 -21.63 -6.68
N ASP A 21 -16.80 -22.52 -5.72
CA ASP A 21 -15.77 -22.71 -4.72
C ASP A 21 -14.59 -23.40 -5.41
N PRO A 22 -13.35 -23.02 -5.04
CA PRO A 22 -12.16 -23.59 -5.70
C PRO A 22 -11.78 -25.00 -5.27
N ALA A 23 -12.45 -25.55 -4.25
CA ALA A 23 -12.08 -26.83 -3.65
C ALA A 23 -12.03 -27.98 -4.64
N GLY A 24 -10.90 -28.68 -4.68
CA GLY A 24 -10.74 -29.78 -5.62
C GLY A 24 -10.40 -29.32 -7.03
N ILE A 25 -10.23 -28.02 -7.20
CA ILE A 25 -9.91 -27.43 -8.50
C ILE A 25 -8.57 -26.70 -8.42
N PHE A 26 -8.47 -25.74 -7.50
CA PHE A 26 -7.18 -25.10 -7.21
C PHE A 26 -6.89 -25.12 -5.71
N GLU A 27 -5.61 -25.32 -5.39
CA GLU A 27 -5.14 -25.25 -4.02
C GLU A 27 -3.98 -24.26 -3.93
N LEU A 28 -3.91 -23.52 -2.81
CA LEU A 28 -2.82 -22.58 -2.61
C LEU A 28 -1.60 -23.30 -2.07
N VAL A 29 -0.41 -22.87 -2.48
CA VAL A 29 0.82 -23.48 -1.99
C VAL A 29 1.54 -22.58 -0.98
N GLU A 30 1.92 -21.38 -1.44
CA GLU A 30 2.63 -20.43 -0.60
C GLU A 30 2.47 -19.02 -1.16
N VAL A 31 2.45 -18.03 -0.29
CA VAL A 31 2.50 -16.65 -0.71
C VAL A 31 3.77 -16.42 -1.51
N VAL A 32 3.63 -15.77 -2.68
CA VAL A 32 4.75 -15.60 -3.57
C VAL A 32 4.99 -14.11 -3.83
N GLY A 33 4.02 -13.28 -3.45
CA GLY A 33 4.11 -11.85 -3.68
C GLY A 33 2.87 -11.09 -3.29
N ASN A 34 2.75 -9.84 -3.76
CA ASN A 34 1.59 -8.99 -3.49
C ASN A 34 0.97 -8.47 -4.79
N GLY A 35 -0.24 -7.94 -4.68
CA GLY A 35 -0.87 -7.24 -5.79
C GLY A 35 -1.20 -5.82 -5.35
N THR A 36 -1.81 -5.02 -6.22
CA THR A 36 -2.31 -3.71 -5.81
C THR A 36 -3.36 -3.92 -4.71
N TYR A 37 -4.35 -4.76 -5.00
CA TYR A 37 -5.26 -5.25 -3.97
C TYR A 37 -5.29 -6.76 -4.00
N GLY A 38 -4.75 -7.39 -2.95
CA GLY A 38 -4.83 -8.83 -2.83
C GLY A 38 -3.49 -9.54 -2.81
N GLN A 39 -3.38 -10.56 -1.98
CA GLN A 39 -2.17 -11.36 -1.88
C GLN A 39 -2.08 -12.32 -3.06
N VAL A 40 -0.86 -12.54 -3.55
CA VAL A 40 -0.64 -13.44 -4.68
C VAL A 40 0.04 -14.74 -4.23
N TYR A 41 -0.59 -15.86 -4.56
CA TYR A 41 -0.07 -17.18 -4.20
C TYR A 41 0.45 -17.95 -5.40
N LYS A 42 1.51 -18.72 -5.17
CA LYS A 42 1.83 -19.83 -6.05
C LYS A 42 0.72 -20.83 -5.77
N GLY A 43 -0.11 -21.06 -6.77
CA GLY A 43 -1.22 -21.99 -6.62
C GLY A 43 -1.00 -23.19 -7.50
N ARG A 44 -1.89 -24.17 -7.39
CA ARG A 44 -1.73 -25.44 -8.07
C ARG A 44 -3.07 -26.01 -8.55
N HIS A 45 -3.12 -26.40 -9.82
CA HIS A 45 -4.31 -27.04 -10.37
C HIS A 45 -4.35 -28.47 -9.88
N VAL A 46 -5.27 -28.77 -8.96
CA VAL A 46 -5.31 -30.05 -8.24
C VAL A 46 -5.22 -31.29 -9.13
N LYS A 47 -6.06 -31.34 -10.17
CA LYS A 47 -6.13 -32.52 -11.02
C LYS A 47 -4.86 -32.81 -11.83
N THR A 48 -4.16 -31.77 -12.26
CA THR A 48 -3.00 -31.94 -13.15
C THR A 48 -1.66 -31.59 -12.47
N GLY A 49 -1.71 -30.87 -11.36
CA GLY A 49 -0.50 -30.47 -10.66
C GLY A 49 0.14 -29.22 -11.26
N GLN A 50 -0.39 -28.80 -12.42
CA GLN A 50 0.10 -27.62 -13.13
C GLN A 50 0.00 -26.36 -12.26
N LEU A 51 0.99 -25.48 -12.39
CA LEU A 51 1.04 -24.29 -11.54
C LEU A 51 0.20 -23.14 -12.09
N ALA A 52 -0.28 -22.30 -11.17
CA ALA A 52 -1.05 -21.12 -11.53
C ALA A 52 -0.82 -20.10 -10.43
N ALA A 53 -0.72 -18.82 -10.78
CA ALA A 53 -0.71 -17.80 -9.74
C ALA A 53 -2.14 -17.45 -9.38
N ILE A 54 -2.39 -17.36 -8.07
CA ILE A 54 -3.73 -17.09 -7.60
C ILE A 54 -3.73 -15.82 -6.75
N LYS A 55 -4.56 -14.87 -7.16
CA LYS A 55 -4.72 -13.62 -6.43
C LYS A 55 -5.90 -13.74 -5.49
N VAL A 56 -5.61 -13.74 -4.20
CA VAL A 56 -6.63 -13.88 -3.16
C VAL A 56 -7.06 -12.54 -2.58
N MET A 57 -8.25 -12.10 -2.97
CA MET A 57 -8.79 -10.81 -2.58
C MET A 57 -10.04 -10.96 -1.73
N ASP A 58 -10.05 -10.32 -0.57
CA ASP A 58 -11.23 -10.33 0.29
C ASP A 58 -12.32 -9.45 -0.30
N VAL A 59 -13.49 -10.04 -0.52
CA VAL A 59 -14.62 -9.30 -1.11
C VAL A 59 -15.39 -8.50 -0.06
N THR A 60 -15.03 -7.23 0.06
CA THR A 60 -15.74 -6.30 0.93
C THR A 60 -16.77 -5.55 0.09
N GLU A 61 -17.65 -4.80 0.74
CA GLU A 61 -18.70 -4.07 0.03
C GLU A 61 -18.12 -2.85 -0.70
N ASP A 62 -17.03 -2.31 -0.17
CA ASP A 62 -16.40 -1.12 -0.75
C ASP A 62 -15.57 -1.49 -1.99
N GLU A 63 -14.79 -2.56 -1.88
CA GLU A 63 -13.90 -3.01 -2.96
C GLU A 63 -14.56 -4.08 -3.85
N GLU A 64 -15.88 -4.18 -3.78
CA GLU A 64 -16.62 -5.22 -4.51
C GLU A 64 -16.64 -5.00 -6.02
N GLU A 65 -16.70 -3.74 -6.44
CA GLU A 65 -16.73 -3.40 -7.86
C GLU A 65 -15.34 -3.29 -8.46
N GLU A 66 -14.36 -2.99 -7.61
CA GLU A 66 -12.97 -2.93 -8.04
C GLU A 66 -12.47 -4.33 -8.40
N ILE A 67 -12.92 -5.31 -7.62
CA ILE A 67 -12.62 -6.71 -7.92
C ILE A 67 -13.27 -7.15 -9.23
N LYS A 68 -14.58 -6.90 -9.36
CA LYS A 68 -15.34 -7.26 -10.56
C LYS A 68 -14.65 -6.81 -11.84
N LEU A 69 -14.05 -5.61 -11.80
CA LEU A 69 -13.43 -5.04 -12.97
C LEU A 69 -12.11 -5.73 -13.32
N GLU A 70 -11.33 -6.10 -12.30
CA GLU A 70 -10.05 -6.76 -12.53
C GLU A 70 -10.25 -8.11 -13.21
N ILE A 71 -11.37 -8.76 -12.90
CA ILE A 71 -11.72 -10.03 -13.54
C ILE A 71 -11.99 -9.79 -15.02
N ASN A 72 -12.83 -8.81 -15.32
CA ASN A 72 -13.29 -8.55 -16.68
C ASN A 72 -12.19 -8.15 -17.65
N MET A 73 -11.25 -7.34 -17.17
CA MET A 73 -10.16 -6.86 -18.02
C MET A 73 -9.15 -7.98 -18.24
N LEU A 74 -8.80 -8.66 -17.15
CA LEU A 74 -7.89 -9.80 -17.22
C LEU A 74 -8.48 -10.86 -18.14
N LYS A 75 -9.78 -11.11 -18.04
CA LYS A 75 -10.44 -12.11 -18.85
C LYS A 75 -10.41 -11.78 -20.34
N LYS A 76 -10.68 -10.52 -20.67
CA LYS A 76 -10.85 -10.12 -22.07
C LYS A 76 -9.54 -9.73 -22.78
N TYR A 77 -8.56 -9.24 -22.03
CA TYR A 77 -7.40 -8.64 -22.66
C TYR A 77 -6.08 -9.39 -22.45
N SER A 78 -6.15 -10.56 -21.83
CA SER A 78 -4.97 -11.35 -21.52
C SER A 78 -4.62 -12.39 -22.59
N HIS A 79 -5.29 -12.33 -23.73
CA HIS A 79 -4.99 -13.25 -24.84
C HIS A 79 -3.89 -12.69 -25.73
N HIS A 80 -2.67 -12.70 -25.21
CA HIS A 80 -1.50 -12.22 -25.92
C HIS A 80 -0.32 -12.79 -25.16
N ARG A 81 0.71 -13.21 -25.87
CA ARG A 81 1.88 -13.85 -25.23
C ARG A 81 2.61 -12.98 -24.20
N ASN A 82 2.44 -11.66 -24.28
CA ASN A 82 3.08 -10.75 -23.33
C ASN A 82 2.14 -10.29 -22.19
N ILE A 83 0.96 -10.89 -22.12
CA ILE A 83 0.06 -10.69 -20.99
C ILE A 83 -0.15 -12.04 -20.31
N ALA A 84 0.09 -12.10 -19.01
CA ALA A 84 -0.11 -13.34 -18.27
C ALA A 84 -1.58 -13.74 -18.35
N THR A 85 -1.81 -14.96 -18.82
CA THR A 85 -3.14 -15.42 -19.22
C THR A 85 -4.09 -15.72 -18.06
N TYR A 86 -5.32 -15.21 -18.21
CA TYR A 86 -6.41 -15.48 -17.29
C TYR A 86 -6.86 -16.95 -17.38
N TYR A 87 -6.97 -17.61 -16.23
CA TYR A 87 -7.47 -18.99 -16.18
C TYR A 87 -8.96 -19.02 -15.80
N GLY A 88 -9.28 -18.55 -14.61
CA GLY A 88 -10.65 -18.51 -14.14
C GLY A 88 -10.76 -17.79 -12.82
N ALA A 89 -11.97 -17.66 -12.32
CA ALA A 89 -12.20 -16.97 -11.06
C ALA A 89 -13.09 -17.82 -10.15
N PHE A 90 -12.79 -17.77 -8.86
CA PHE A 90 -13.50 -18.57 -7.86
C PHE A 90 -13.76 -17.75 -6.59
N ILE A 91 -14.79 -18.15 -5.84
CA ILE A 91 -15.07 -17.57 -4.53
C ILE A 91 -15.12 -18.64 -3.45
N LYS A 92 -14.35 -18.43 -2.38
CA LYS A 92 -14.30 -19.35 -1.24
C LYS A 92 -15.04 -18.72 -0.07
N LYS A 93 -16.33 -19.04 0.07
CA LYS A 93 -17.22 -18.40 1.06
C LYS A 93 -16.81 -18.62 2.52
N SER A 94 -17.03 -17.59 3.34
CA SER A 94 -16.64 -17.64 4.75
C SER A 94 -17.81 -17.29 5.67
N HIS A 98 -18.43 -13.95 7.34
CA HIS A 98 -19.10 -13.47 6.14
C HIS A 98 -18.24 -12.45 5.39
N ASP A 99 -16.95 -12.77 5.25
CA ASP A 99 -16.04 -11.95 4.45
C ASP A 99 -15.41 -12.83 3.38
N ASP A 100 -16.13 -13.04 2.28
CA ASP A 100 -15.74 -13.99 1.24
C ASP A 100 -14.39 -13.68 0.59
N GLN A 101 -13.70 -14.73 0.16
CA GLN A 101 -12.46 -14.57 -0.60
C GLN A 101 -12.69 -14.86 -2.08
N LEU A 102 -12.11 -14.03 -2.95
CA LEU A 102 -12.18 -14.31 -4.37
C LEU A 102 -10.82 -14.75 -4.88
N TRP A 103 -10.81 -15.81 -5.67
CA TRP A 103 -9.56 -16.34 -6.22
C TRP A 103 -9.46 -16.03 -7.70
N LEU A 104 -8.48 -15.21 -8.04
CA LEU A 104 -8.27 -14.83 -9.44
C LEU A 104 -7.10 -15.65 -9.96
N VAL A 105 -7.38 -16.55 -10.89
CA VAL A 105 -6.40 -17.57 -11.26
C VAL A 105 -5.82 -17.30 -12.65
N MET A 106 -4.50 -17.30 -12.74
CA MET A 106 -3.85 -16.97 -14.00
C MET A 106 -2.53 -17.71 -14.16
N GLU A 107 -1.96 -17.56 -15.35
CA GLU A 107 -0.69 -18.17 -15.72
C GLU A 107 0.39 -17.88 -14.69
N PHE A 108 1.10 -18.92 -14.26
CA PHE A 108 2.15 -18.73 -13.28
C PHE A 108 3.46 -18.42 -13.99
N CYS A 109 4.07 -17.30 -13.60
CA CYS A 109 5.35 -16.92 -14.15
C CYS A 109 6.43 -17.23 -13.12
N GLY A 110 7.07 -18.39 -13.27
CA GLY A 110 7.99 -18.94 -12.28
C GLY A 110 9.25 -18.17 -11.93
N ALA A 111 9.81 -17.41 -12.87
CA ALA A 111 11.10 -16.75 -12.64
C ALA A 111 11.00 -15.44 -11.83
N GLY A 112 9.79 -15.06 -11.43
CA GLY A 112 9.60 -13.84 -10.66
C GLY A 112 9.60 -12.57 -11.49
N SER A 113 9.86 -11.44 -10.85
CA SER A 113 9.77 -10.15 -11.53
C SER A 113 11.11 -9.66 -12.12
N ILE A 114 11.01 -8.60 -12.89
CA ILE A 114 12.17 -7.90 -13.41
C ILE A 114 12.98 -7.28 -12.27
N THR A 115 12.27 -6.62 -11.34
CA THR A 115 12.89 -6.04 -10.16
C THR A 115 13.72 -7.11 -9.45
N ASP A 116 13.12 -8.28 -9.26
CA ASP A 116 13.80 -9.44 -8.69
C ASP A 116 15.06 -9.80 -9.45
N LEU A 117 14.95 -9.88 -10.77
CA LEU A 117 16.06 -10.25 -11.64
C LEU A 117 17.26 -9.34 -11.47
N VAL A 118 17.04 -8.03 -11.54
N VAL A 118 17.03 -8.03 -11.53
CA VAL A 118 18.13 -7.07 -11.43
CA VAL A 118 18.13 -7.07 -11.43
C VAL A 118 18.78 -7.13 -10.04
C VAL A 118 18.77 -7.06 -10.04
N LYS A 119 17.98 -7.29 -9.00
CA LYS A 119 18.53 -7.33 -7.64
C LYS A 119 19.28 -8.63 -7.32
N ASN A 120 19.15 -9.61 -8.20
CA ASN A 120 19.83 -10.89 -8.05
C ASN A 120 20.96 -11.05 -9.06
N THR A 121 21.20 -9.98 -9.81
CA THR A 121 22.26 -9.95 -10.78
C THR A 121 23.42 -9.21 -10.14
N LYS A 122 24.65 -9.56 -10.53
CA LYS A 122 25.84 -8.96 -9.97
C LYS A 122 25.89 -7.49 -10.33
N GLY A 123 26.11 -6.64 -9.32
CA GLY A 123 26.20 -5.22 -9.56
C GLY A 123 24.88 -4.57 -9.97
N ASN A 124 23.78 -5.30 -9.76
CA ASN A 124 22.43 -4.81 -9.97
C ASN A 124 22.24 -4.06 -11.29
N THR A 125 22.69 -4.69 -12.38
CA THR A 125 22.53 -4.11 -13.70
C THR A 125 22.46 -5.23 -14.73
N LEU A 126 21.66 -5.03 -15.76
CA LEU A 126 21.50 -6.03 -16.81
C LEU A 126 22.23 -5.62 -18.08
N LYS A 127 22.72 -6.60 -18.83
CA LYS A 127 23.36 -6.33 -20.12
C LYS A 127 22.41 -5.59 -21.02
N GLU A 128 22.90 -4.57 -21.71
CA GLU A 128 22.08 -3.76 -22.59
C GLU A 128 21.18 -4.55 -23.56
N ASP A 129 21.63 -5.72 -24.01
CA ASP A 129 20.77 -6.52 -24.88
C ASP A 129 19.71 -7.35 -24.13
N TRP A 130 19.91 -7.59 -22.85
CA TRP A 130 18.81 -8.12 -22.03
C TRP A 130 17.72 -7.07 -21.94
N ILE A 131 18.14 -5.82 -21.75
CA ILE A 131 17.23 -4.69 -21.60
C ILE A 131 16.43 -4.41 -22.87
N ALA A 132 17.07 -4.54 -24.03
CA ALA A 132 16.39 -4.34 -25.31
C ALA A 132 15.33 -5.40 -25.57
N TYR A 133 15.62 -6.63 -25.18
CA TYR A 133 14.69 -7.72 -25.40
C TYR A 133 13.50 -7.53 -24.47
N ILE A 134 13.80 -7.35 -23.20
CA ILE A 134 12.78 -7.22 -22.17
C ILE A 134 11.88 -6.02 -22.43
N SER A 135 12.45 -4.89 -22.84
CA SER A 135 11.66 -3.69 -23.10
C SER A 135 10.73 -3.87 -24.29
N ARG A 136 11.22 -4.56 -25.31
CA ARG A 136 10.41 -4.85 -26.49
C ARG A 136 9.20 -5.73 -26.15
N GLU A 137 9.42 -6.76 -25.35
CA GLU A 137 8.33 -7.62 -24.90
C GLU A 137 7.31 -6.83 -24.10
N ILE A 138 7.78 -5.93 -23.23
CA ILE A 138 6.88 -5.01 -22.53
C ILE A 138 6.07 -4.17 -23.53
N LEU A 139 6.75 -3.59 -24.52
CA LEU A 139 6.08 -2.75 -25.51
C LEU A 139 5.06 -3.49 -26.40
N ARG A 140 5.32 -4.76 -26.69
CA ARG A 140 4.37 -5.56 -27.47
C ARG A 140 3.08 -5.84 -26.68
N GLY A 141 3.25 -6.26 -25.43
CA GLY A 141 2.12 -6.39 -24.53
C GLY A 141 1.35 -5.09 -24.38
N LEU A 142 2.06 -3.97 -24.28
CA LEU A 142 1.42 -2.65 -24.14
C LEU A 142 0.67 -2.26 -25.40
N ALA A 143 1.25 -2.55 -26.56
CA ALA A 143 0.60 -2.26 -27.83
C ALA A 143 -0.73 -3.00 -27.93
N HIS A 144 -0.74 -4.23 -27.47
CA HIS A 144 -1.94 -5.06 -27.48
C HIS A 144 -3.04 -4.43 -26.64
N LEU A 145 -2.68 -3.93 -25.46
CA LEU A 145 -3.62 -3.25 -24.59
C LEU A 145 -4.11 -1.94 -25.19
N HIS A 146 -3.20 -1.15 -25.75
CA HIS A 146 -3.55 0.17 -26.26
C HIS A 146 -4.46 0.11 -27.49
N ILE A 147 -4.24 -0.89 -28.33
CA ILE A 147 -5.08 -1.10 -29.50
C ILE A 147 -6.48 -1.55 -29.09
N HIS A 148 -6.60 -2.07 -27.86
CA HIS A 148 -7.89 -2.42 -27.28
C HIS A 148 -8.44 -1.29 -26.40
N HIS A 149 -7.79 -0.14 -26.44
CA HIS A 149 -8.17 1.03 -25.62
C HIS A 149 -8.04 0.78 -24.12
N VAL A 150 -7.02 0.01 -23.73
CA VAL A 150 -6.70 -0.18 -22.31
C VAL A 150 -5.36 0.48 -21.98
N ILE A 151 -5.31 1.15 -20.83
CA ILE A 151 -4.06 1.73 -20.34
C ILE A 151 -3.70 0.91 -19.12
N HIS A 152 -2.50 0.35 -19.09
CA HIS A 152 -2.13 -0.49 -17.94
C HIS A 152 -2.12 0.32 -16.65
N ARG A 153 -1.48 1.49 -16.70
CA ARG A 153 -1.38 2.44 -15.59
C ARG A 153 -0.45 2.07 -14.42
N ASP A 154 0.10 0.87 -14.41
CA ASP A 154 1.01 0.54 -13.32
C ASP A 154 2.21 -0.29 -13.78
N ILE A 155 2.76 0.11 -14.92
CA ILE A 155 3.98 -0.53 -15.41
C ILE A 155 5.17 -0.18 -14.51
N LYS A 156 5.85 -1.21 -14.06
CA LYS A 156 7.03 -1.08 -13.24
C LYS A 156 7.65 -2.46 -13.19
N GLY A 157 8.90 -2.54 -12.75
CA GLY A 157 9.62 -3.81 -12.73
C GLY A 157 8.91 -4.90 -11.95
N GLN A 158 8.15 -4.50 -10.93
CA GLN A 158 7.45 -5.47 -10.09
C GLN A 158 6.26 -6.12 -10.80
N ASN A 159 5.74 -5.46 -11.83
CA ASN A 159 4.62 -6.01 -12.60
C ASN A 159 5.03 -6.61 -13.95
N VAL A 160 6.33 -6.71 -14.18
CA VAL A 160 6.81 -7.37 -15.39
C VAL A 160 7.48 -8.67 -14.98
N LEU A 161 6.89 -9.79 -15.38
CA LEU A 161 7.37 -11.07 -14.90
C LEU A 161 8.07 -11.92 -15.97
N LEU A 162 8.76 -12.94 -15.49
CA LEU A 162 9.45 -13.86 -16.38
C LEU A 162 9.00 -15.28 -16.07
N THR A 163 8.72 -16.06 -17.11
CA THR A 163 8.46 -17.48 -16.94
C THR A 163 9.79 -18.21 -16.85
N GLU A 164 9.73 -19.50 -16.55
CA GLU A 164 10.94 -20.32 -16.41
C GLU A 164 11.67 -20.44 -17.75
N ASN A 165 11.00 -20.06 -18.83
CA ASN A 165 11.56 -20.12 -20.18
C ASN A 165 11.98 -18.74 -20.69
N ALA A 166 12.20 -17.81 -19.77
CA ALA A 166 12.61 -16.44 -20.11
C ALA A 166 11.61 -15.68 -20.99
N GLU A 167 10.33 -16.05 -20.91
CA GLU A 167 9.27 -15.30 -21.58
C GLU A 167 8.87 -14.14 -20.69
N VAL A 168 8.46 -13.04 -21.31
CA VAL A 168 8.11 -11.82 -20.56
C VAL A 168 6.59 -11.57 -20.53
N LYS A 169 6.04 -11.35 -19.34
CA LYS A 169 4.60 -11.17 -19.21
C LYS A 169 4.14 -10.04 -18.28
N LEU A 170 3.19 -9.24 -18.77
CA LEU A 170 2.62 -8.15 -17.98
C LEU A 170 1.52 -8.66 -17.03
N VAL A 171 1.56 -8.21 -15.78
CA VAL A 171 0.47 -8.50 -14.85
C VAL A 171 -0.11 -7.25 -14.20
N ASP A 172 -1.26 -7.46 -13.56
CA ASP A 172 -1.94 -6.52 -12.67
C ASP A 172 -2.76 -5.43 -13.38
N PHE A 173 -4.04 -5.71 -13.57
CA PHE A 173 -4.96 -4.71 -14.08
C PHE A 173 -5.70 -4.00 -12.94
N GLY A 174 -5.09 -4.04 -11.75
CA GLY A 174 -5.67 -3.44 -10.56
C GLY A 174 -6.03 -1.97 -10.67
N VAL A 175 -5.06 -1.14 -11.05
CA VAL A 175 -5.30 0.29 -11.21
C VAL A 175 -5.57 0.71 -12.66
N SER A 176 -5.81 -0.27 -13.54
CA SER A 176 -6.23 -0.02 -14.92
C SER A 176 -7.69 0.45 -14.98
N ALA A 177 -8.40 0.28 -13.86
CA ALA A 177 -9.83 0.58 -13.77
C ALA A 177 -10.20 1.35 -12.50
N THR A 188 -8.34 3.12 -3.25
CA THR A 188 -8.23 3.92 -2.02
C THR A 188 -6.76 4.13 -1.59
N PHE A 189 -5.88 3.22 -1.98
CA PHE A 189 -4.46 3.38 -1.65
C PHE A 189 -3.69 3.89 -2.87
N ILE A 190 -2.74 4.78 -2.63
CA ILE A 190 -1.81 5.15 -3.68
C ILE A 190 -0.59 4.26 -3.55
N GLY A 191 -0.16 3.68 -4.67
CA GLY A 191 0.98 2.78 -4.69
C GLY A 191 2.27 3.55 -4.83
N THR A 192 3.32 2.85 -5.25
CA THR A 192 4.63 3.47 -5.48
C THR A 192 4.55 4.52 -6.61
N PRO A 193 5.21 5.67 -6.40
CA PRO A 193 5.16 6.76 -7.38
C PRO A 193 6.29 6.76 -8.42
N TYR A 194 7.36 6.01 -8.18
CA TYR A 194 8.60 6.20 -8.95
C TYR A 194 8.48 5.97 -10.46
N TRP A 195 7.52 5.15 -10.88
CA TRP A 195 7.31 4.89 -12.30
C TRP A 195 6.18 5.73 -12.92
N MET A 196 5.58 6.64 -12.16
CA MET A 196 4.51 7.47 -12.70
C MET A 196 4.99 8.57 -13.68
N ALA A 197 4.26 8.72 -14.77
CA ALA A 197 4.45 9.84 -15.68
C ALA A 197 4.07 11.17 -14.98
N PRO A 198 4.69 12.28 -15.42
CA PRO A 198 4.41 13.61 -14.86
C PRO A 198 2.92 13.96 -14.94
N GLU A 199 2.27 13.53 -16.03
CA GLU A 199 0.91 13.93 -16.30
C GLU A 199 -0.18 13.22 -15.47
N VAL A 200 0.19 12.19 -14.72
CA VAL A 200 -0.80 11.47 -13.90
C VAL A 200 -0.75 11.98 -12.47
N ILE A 201 0.08 12.98 -12.26
CA ILE A 201 0.23 13.58 -10.94
C ILE A 201 -0.38 14.98 -10.95
N ALA A 202 -1.47 15.13 -10.21
CA ALA A 202 -2.22 16.37 -10.20
C ALA A 202 -1.42 17.49 -9.57
N CYS A 203 -1.50 18.67 -10.16
CA CYS A 203 -0.93 19.89 -9.58
C CYS A 203 -1.65 21.10 -10.18
N ASP A 204 -1.21 22.30 -9.85
CA ASP A 204 -2.00 23.51 -10.14
C ASP A 204 -2.33 23.74 -11.61
N GLU A 205 -1.34 23.54 -12.48
CA GLU A 205 -1.54 23.71 -13.91
C GLU A 205 -2.03 22.40 -14.56
N ASN A 206 -2.13 21.36 -13.74
CA ASN A 206 -2.65 20.07 -14.19
C ASN A 206 -3.66 19.50 -13.19
N PRO A 207 -4.72 20.26 -12.88
CA PRO A 207 -5.57 19.90 -11.72
C PRO A 207 -6.31 18.56 -11.89
N ASP A 208 -6.55 18.14 -13.13
CA ASP A 208 -7.33 16.91 -13.34
C ASP A 208 -6.50 15.72 -13.78
N ALA A 209 -5.17 15.85 -13.74
CA ALA A 209 -4.26 14.76 -14.07
C ALA A 209 -4.62 14.06 -15.37
N THR A 210 -4.78 14.84 -16.43
CA THR A 210 -5.20 14.30 -17.72
C THR A 210 -4.05 13.57 -18.41
N TYR A 211 -4.32 12.34 -18.82
CA TYR A 211 -3.29 11.45 -19.37
C TYR A 211 -3.88 10.49 -20.42
N ASP A 212 -3.02 9.91 -21.26
CA ASP A 212 -3.47 8.90 -22.21
C ASP A 212 -2.61 7.62 -22.16
N TYR A 213 -2.64 6.84 -23.23
N TYR A 213 -2.64 6.84 -23.24
CA TYR A 213 -1.90 5.57 -23.31
CA TYR A 213 -1.90 5.58 -23.33
C TYR A 213 -0.38 5.78 -23.19
C TYR A 213 -0.40 5.80 -23.12
N ARG A 214 0.08 6.96 -23.54
CA ARG A 214 1.51 7.27 -23.48
C ARG A 214 2.09 7.35 -22.08
N SER A 215 1.22 7.35 -21.06
CA SER A 215 1.64 7.28 -19.67
C SER A 215 2.45 6.02 -19.42
N ASP A 216 2.03 4.93 -20.08
CA ASP A 216 2.71 3.65 -19.92
C ASP A 216 4.10 3.66 -20.54
N LEU A 217 4.30 4.48 -21.56
CA LEU A 217 5.58 4.48 -22.26
C LEU A 217 6.63 5.12 -21.38
N TRP A 218 6.23 6.18 -20.65
CA TRP A 218 7.10 6.79 -19.64
C TRP A 218 7.53 5.73 -18.63
N SER A 219 6.55 5.02 -18.09
CA SER A 219 6.78 3.97 -17.11
C SER A 219 7.71 2.88 -17.65
N CYS A 220 7.59 2.58 -18.94
CA CYS A 220 8.47 1.62 -19.59
C CYS A 220 9.92 2.17 -19.61
N GLY A 221 10.08 3.45 -19.90
CA GLY A 221 11.39 4.10 -19.79
C GLY A 221 12.02 3.96 -18.40
N ILE A 222 11.23 4.23 -17.36
CA ILE A 222 11.71 4.11 -15.99
C ILE A 222 12.07 2.67 -15.67
N THR A 223 11.26 1.73 -16.13
CA THR A 223 11.55 0.30 -16.00
C THR A 223 12.88 -0.06 -16.68
N ALA A 224 13.16 0.53 -17.84
CA ALA A 224 14.43 0.29 -18.50
C ALA A 224 15.59 0.83 -17.65
N ILE A 225 15.40 2.02 -17.09
CA ILE A 225 16.40 2.61 -16.19
C ILE A 225 16.60 1.71 -14.96
N GLU A 226 15.49 1.17 -14.46
CA GLU A 226 15.53 0.23 -13.35
C GLU A 226 16.37 -1.02 -13.70
N MET A 227 16.21 -1.52 -14.93
CA MET A 227 17.01 -2.66 -15.39
C MET A 227 18.50 -2.29 -15.50
N ALA A 228 18.76 -1.05 -15.90
CA ALA A 228 20.14 -0.56 -16.06
C ALA A 228 20.87 -0.20 -14.77
N GLU A 229 20.16 0.32 -13.78
CA GLU A 229 20.81 0.81 -12.57
C GLU A 229 20.35 0.11 -11.28
N GLY A 230 19.33 -0.74 -11.36
CA GLY A 230 18.90 -1.50 -10.20
C GLY A 230 17.81 -0.82 -9.39
N ALA A 231 17.49 0.41 -9.74
CA ALA A 231 16.49 1.17 -9.03
C ALA A 231 15.99 2.27 -9.96
N PRO A 232 14.75 2.75 -9.76
CA PRO A 232 14.25 3.84 -10.59
C PRO A 232 14.91 5.17 -10.17
N PRO A 233 14.83 6.20 -11.02
CA PRO A 233 15.30 7.52 -10.58
C PRO A 233 14.51 7.98 -9.34
N LEU A 234 15.10 8.88 -8.56
CA LEU A 234 14.47 9.39 -7.34
C LEU A 234 14.30 8.34 -6.24
N CYS A 235 14.92 7.17 -6.42
CA CYS A 235 14.81 6.07 -5.45
C CYS A 235 15.30 6.45 -4.04
N ASP A 236 16.26 7.35 -3.97
CA ASP A 236 16.77 7.81 -2.68
C ASP A 236 15.84 8.81 -1.99
N MET A 237 14.77 9.21 -2.67
CA MET A 237 13.84 10.18 -2.10
C MET A 237 12.66 9.51 -1.40
N HIS A 238 12.09 10.22 -0.43
CA HIS A 238 10.84 9.80 0.16
C HIS A 238 9.80 9.76 -0.96
N PRO A 239 8.92 8.73 -0.97
CA PRO A 239 7.94 8.61 -2.07
C PRO A 239 7.08 9.85 -2.27
N MET A 240 6.73 10.52 -1.17
CA MET A 240 5.92 11.74 -1.25
C MET A 240 6.73 12.86 -1.91
N ARG A 241 8.02 12.91 -1.60
CA ARG A 241 8.93 13.86 -2.21
C ARG A 241 9.14 13.56 -3.70
N ALA A 242 9.10 12.28 -4.07
CA ALA A 242 9.24 11.90 -5.48
C ALA A 242 8.02 12.37 -6.26
N LEU A 243 6.85 12.26 -5.64
CA LEU A 243 5.59 12.68 -6.25
C LEU A 243 5.60 14.17 -6.60
N PHE A 244 6.20 14.96 -5.71
CA PHE A 244 6.33 16.40 -5.92
C PHE A 244 7.35 16.70 -7.03
N LEU A 245 8.46 15.97 -7.04
CA LEU A 245 9.56 16.24 -7.95
C LEU A 245 9.31 15.85 -9.41
N ILE A 246 8.69 14.69 -9.63
CA ILE A 246 8.54 14.15 -10.99
C ILE A 246 7.96 15.14 -12.01
N PRO A 247 6.88 15.86 -11.63
CA PRO A 247 6.37 16.83 -12.62
C PRO A 247 7.24 18.07 -12.78
N ARG A 248 8.17 18.31 -11.87
CA ARG A 248 9.01 19.51 -11.93
C ARG A 248 10.36 19.26 -12.57
N ASN A 249 10.85 18.04 -12.41
CA ASN A 249 12.18 17.65 -12.85
C ASN A 249 12.26 17.39 -14.37
N PRO A 250 13.43 17.67 -14.96
CA PRO A 250 13.68 17.28 -16.35
C PRO A 250 13.55 15.76 -16.52
N PRO A 251 13.45 15.27 -17.77
CA PRO A 251 13.48 13.82 -17.99
C PRO A 251 14.68 13.19 -17.30
N PRO A 252 14.47 12.11 -16.55
CA PRO A 252 15.58 11.35 -15.96
C PRO A 252 16.54 10.83 -17.03
N ARG A 253 17.82 10.72 -16.67
CA ARG A 253 18.87 10.26 -17.56
C ARG A 253 19.63 9.14 -16.85
N LEU A 254 20.13 8.18 -17.62
CA LEU A 254 21.05 7.16 -17.09
C LEU A 254 22.29 7.84 -16.47
N LYS A 255 22.82 7.27 -15.40
CA LYS A 255 24.01 7.84 -14.75
C LYS A 255 25.30 7.61 -15.53
N SER A 256 25.44 6.43 -16.13
CA SER A 256 26.70 6.01 -16.74
C SER A 256 26.79 6.43 -18.20
N LYS A 257 28.02 6.67 -18.66
CA LYS A 257 28.27 7.00 -20.06
C LYS A 257 28.59 5.78 -20.91
N LYS A 258 28.56 4.60 -20.29
CA LYS A 258 28.94 3.37 -20.99
C LYS A 258 27.91 2.91 -22.04
N TRP A 259 26.62 3.18 -21.80
CA TRP A 259 25.54 2.65 -22.65
C TRP A 259 25.64 3.17 -24.10
N SER A 260 25.02 2.47 -25.03
CA SER A 260 25.09 2.87 -26.44
C SER A 260 24.29 4.15 -26.70
N LYS A 261 24.51 4.73 -27.87
CA LYS A 261 23.75 5.90 -28.33
C LYS A 261 22.29 5.55 -28.50
N LYS A 262 22.05 4.31 -28.95
CA LYS A 262 20.71 3.79 -29.17
C LYS A 262 19.89 3.73 -27.87
N PHE A 263 20.51 3.26 -26.79
CA PHE A 263 19.84 3.07 -25.53
C PHE A 263 19.45 4.45 -24.96
N PHE A 264 20.40 5.38 -24.95
CA PHE A 264 20.14 6.75 -24.50
C PHE A 264 18.94 7.35 -25.21
N SER A 265 18.83 7.04 -26.50
CA SER A 265 17.84 7.64 -27.36
C SER A 265 16.49 7.01 -27.10
N PHE A 266 16.51 5.72 -26.77
CA PHE A 266 15.30 5.01 -26.42
C PHE A 266 14.73 5.55 -25.09
N ILE A 267 15.61 5.70 -24.10
CA ILE A 267 15.23 6.29 -22.81
C ILE A 267 14.69 7.70 -23.02
N GLU A 268 15.35 8.48 -23.88
CA GLU A 268 14.90 9.84 -24.16
C GLU A 268 13.49 9.85 -24.74
N GLY A 269 13.20 8.83 -25.55
CA GLY A 269 11.92 8.71 -26.23
C GLY A 269 10.77 8.26 -25.33
N CYS A 270 11.06 7.41 -24.34
CA CYS A 270 10.05 7.00 -23.37
C CYS A 270 9.74 8.16 -22.44
N LEU A 271 10.74 9.00 -22.23
CA LEU A 271 10.71 9.97 -21.17
C LEU A 271 10.60 11.41 -21.65
N VAL A 272 9.93 11.63 -22.78
CA VAL A 272 9.60 12.98 -23.19
C VAL A 272 8.68 13.59 -22.10
N LYS A 273 9.09 14.71 -21.49
CA LYS A 273 8.34 15.30 -20.37
C LYS A 273 6.88 15.54 -20.68
N ASN A 274 6.63 16.31 -21.75
CA ASN A 274 5.29 16.60 -22.20
C ASN A 274 4.74 15.45 -23.03
N TYR A 275 3.74 14.74 -22.51
CA TYR A 275 3.22 13.56 -23.18
C TYR A 275 2.67 13.86 -24.57
N MET A 276 2.28 15.12 -24.81
CA MET A 276 1.79 15.53 -26.12
C MET A 276 2.74 15.22 -27.28
N GLN A 277 4.05 15.32 -27.04
CA GLN A 277 4.99 14.90 -28.09
C GLN A 277 5.87 13.70 -27.73
N ARG A 278 5.35 12.84 -26.87
CA ARG A 278 5.96 11.56 -26.60
C ARG A 278 5.52 10.61 -27.72
N PRO A 279 6.43 9.78 -28.21
CA PRO A 279 6.08 8.85 -29.29
C PRO A 279 5.01 7.85 -28.87
N SER A 280 4.30 7.29 -29.84
CA SER A 280 3.29 6.27 -29.57
C SER A 280 3.98 4.93 -29.36
N THR A 281 3.22 3.94 -28.91
CA THR A 281 3.75 2.59 -28.68
C THR A 281 4.32 2.01 -29.98
N GLU A 282 3.62 2.27 -31.08
CA GLU A 282 4.05 1.80 -32.39
C GLU A 282 5.37 2.44 -32.79
N GLN A 283 5.51 3.75 -32.56
CA GLN A 283 6.75 4.46 -32.88
C GLN A 283 7.95 3.92 -32.10
N LEU A 284 7.74 3.62 -30.82
CA LEU A 284 8.83 3.12 -29.97
C LEU A 284 9.26 1.69 -30.33
N LEU A 285 8.30 0.90 -30.80
CA LEU A 285 8.61 -0.42 -31.34
C LEU A 285 9.50 -0.34 -32.60
N LYS A 286 9.41 0.76 -33.33
CA LYS A 286 10.31 0.99 -34.47
C LYS A 286 11.62 1.68 -34.10
N HIS A 287 11.83 1.93 -32.80
CA HIS A 287 13.08 2.51 -32.38
C HIS A 287 14.17 1.47 -32.55
N PRO A 288 15.29 1.86 -33.17
CA PRO A 288 16.39 0.92 -33.49
C PRO A 288 16.79 0.09 -32.29
N PHE A 289 16.77 0.69 -31.11
CA PHE A 289 17.14 -0.02 -29.88
C PHE A 289 16.18 -1.18 -29.63
N ILE A 290 14.91 -1.01 -30.02
CA ILE A 290 13.90 -2.04 -29.86
C ILE A 290 13.85 -2.94 -31.10
N ARG A 291 13.92 -2.30 -32.26
CA ARG A 291 13.76 -2.96 -33.56
C ARG A 291 14.93 -3.87 -33.98
N ASP A 292 16.15 -3.38 -33.84
CA ASP A 292 17.35 -4.11 -34.29
C ASP A 292 17.97 -4.97 -33.19
N GLN A 293 17.48 -6.18 -33.01
CA GLN A 293 18.08 -7.09 -32.02
C GLN A 293 18.63 -8.38 -32.63
N PRO A 294 19.91 -8.34 -33.05
CA PRO A 294 20.59 -9.48 -33.68
C PRO A 294 20.91 -10.63 -32.72
N ASN A 295 21.21 -10.32 -31.46
CA ASN A 295 21.55 -11.36 -30.50
C ASN A 295 20.34 -11.82 -29.68
N GLU A 296 19.15 -11.64 -30.24
CA GLU A 296 17.93 -12.05 -29.56
C GLU A 296 17.98 -13.50 -29.09
N ARG A 297 18.20 -14.40 -30.06
CA ARG A 297 18.34 -15.84 -29.79
C ARG A 297 19.28 -16.13 -28.62
N GLN A 298 20.47 -15.55 -28.65
CA GLN A 298 21.43 -15.76 -27.56
C GLN A 298 20.96 -15.18 -26.23
N VAL A 299 20.27 -14.04 -26.29
CA VAL A 299 19.79 -13.38 -25.07
C VAL A 299 18.80 -14.28 -24.31
N ARG A 300 17.84 -14.87 -25.03
CA ARG A 300 16.89 -15.78 -24.41
C ARG A 300 17.58 -16.95 -23.70
N ILE A 301 18.71 -17.39 -24.26
CA ILE A 301 19.47 -18.47 -23.65
C ILE A 301 20.21 -18.00 -22.40
N GLN A 302 20.87 -16.85 -22.51
CA GLN A 302 21.54 -16.23 -21.36
C GLN A 302 20.55 -15.99 -20.21
N LEU A 303 19.38 -15.46 -20.55
CA LEU A 303 18.32 -15.24 -19.57
C LEU A 303 17.83 -16.54 -18.93
N LYS A 304 17.59 -17.56 -19.75
CA LYS A 304 17.18 -18.88 -19.26
C LYS A 304 18.20 -19.43 -18.27
N ASP A 305 19.49 -19.29 -18.61
CA ASP A 305 20.56 -19.79 -17.75
C ASP A 305 20.58 -19.05 -16.43
N HIS A 306 20.50 -17.73 -16.52
CA HIS A 306 20.49 -16.89 -15.32
C HIS A 306 19.34 -17.22 -14.36
N ILE A 307 18.19 -17.62 -14.92
CA ILE A 307 17.05 -18.02 -14.10
C ILE A 307 17.32 -19.34 -13.38
N ASP A 308 18.00 -20.25 -14.07
CA ASP A 308 18.30 -21.57 -13.53
C ASP A 308 19.37 -21.53 -12.45
N ARG A 309 20.32 -20.61 -12.59
CA ARG A 309 21.42 -20.50 -11.64
C ARG A 309 20.99 -19.78 -10.35
N THR A 310 19.79 -19.22 -10.37
CA THR A 310 19.25 -18.51 -9.21
C THR A 310 18.26 -19.41 -8.46
N ARG A 311 17.70 -20.39 -9.17
CA ARG A 311 16.85 -21.38 -8.53
C ARG A 311 17.67 -22.31 -7.64
N ASP B 15 12.54 -6.43 26.05
CA ASP B 15 13.54 -5.52 25.50
C ASP B 15 13.02 -4.80 24.24
N LEU B 16 13.12 -3.48 24.25
CA LEU B 16 12.64 -2.65 23.15
C LEU B 16 13.80 -2.02 22.38
N SER B 17 15.03 -2.38 22.75
CA SER B 17 16.22 -1.85 22.08
C SER B 17 17.07 -2.95 21.47
N SER B 18 16.49 -4.15 21.32
CA SER B 18 17.24 -5.30 20.83
C SER B 18 16.69 -5.85 19.52
N LEU B 19 17.30 -6.93 19.05
CA LEU B 19 16.89 -7.58 17.82
C LEU B 19 16.95 -9.10 17.95
N ARG B 20 16.29 -9.62 18.97
CA ARG B 20 16.39 -11.03 19.33
C ARG B 20 15.52 -11.95 18.48
N ASP B 21 15.77 -13.25 18.57
CA ASP B 21 14.91 -14.27 17.97
C ASP B 21 13.71 -14.49 18.88
N PRO B 22 12.50 -14.56 18.28
CA PRO B 22 11.27 -14.67 19.08
C PRO B 22 11.10 -16.01 19.80
N ALA B 23 12.08 -16.90 19.67
CA ALA B 23 11.98 -18.25 20.22
C ALA B 23 11.92 -18.26 21.75
N GLY B 24 10.85 -18.84 22.28
CA GLY B 24 10.70 -19.00 23.72
C GLY B 24 10.01 -17.84 24.39
N ILE B 25 9.85 -16.75 23.65
CA ILE B 25 9.20 -15.55 24.19
C ILE B 25 7.85 -15.29 23.49
N PHE B 26 7.81 -15.51 22.18
CA PHE B 26 6.59 -15.35 21.39
C PHE B 26 6.47 -16.43 20.31
N GLU B 27 5.24 -16.78 19.95
CA GLU B 27 5.01 -17.69 18.84
C GLU B 27 3.68 -17.42 18.15
N LEU B 28 3.62 -17.71 16.86
CA LEU B 28 2.43 -17.46 16.05
C LEU B 28 1.41 -18.58 16.19
N VAL B 29 0.12 -18.25 16.11
CA VAL B 29 -0.92 -19.27 16.13
C VAL B 29 -1.83 -19.29 14.89
N GLU B 30 -2.23 -18.11 14.41
CA GLU B 30 -3.07 -18.03 13.20
C GLU B 30 -3.15 -16.62 12.60
N VAL B 31 -3.31 -16.56 11.29
CA VAL B 31 -3.43 -15.29 10.56
C VAL B 31 -4.76 -14.58 10.80
N VAL B 32 -4.73 -13.25 10.75
CA VAL B 32 -5.92 -12.42 10.91
C VAL B 32 -6.33 -11.82 9.56
N GLY B 33 -5.34 -11.33 8.81
CA GLY B 33 -5.57 -10.71 7.51
C GLY B 33 -4.27 -10.50 6.75
N ASN B 34 -4.37 -10.44 5.42
CA ASN B 34 -3.19 -10.30 4.57
C ASN B 34 -2.73 -8.85 4.37
N GLY B 35 -3.58 -7.90 4.77
CA GLY B 35 -3.25 -6.49 4.65
C GLY B 35 -4.31 -5.70 3.90
N GLY B 38 0.78 -5.39 5.22
CA GLY B 38 1.44 -6.22 6.22
C GLY B 38 0.59 -7.41 6.63
N GLN B 39 1.26 -8.50 7.03
CA GLN B 39 0.55 -9.68 7.49
C GLN B 39 0.46 -9.67 9.02
N VAL B 40 -0.75 -9.85 9.53
CA VAL B 40 -0.97 -9.78 10.98
C VAL B 40 -1.41 -11.14 11.53
N TYR B 41 -0.77 -11.56 12.61
CA TYR B 41 -1.09 -12.82 13.27
C TYR B 41 -1.72 -12.64 14.64
N LYS B 42 -2.50 -13.63 15.05
CA LYS B 42 -2.89 -13.78 16.44
C LYS B 42 -1.79 -14.61 17.07
N GLY B 43 -1.11 -14.05 18.05
CA GLY B 43 0.02 -14.73 18.66
C GLY B 43 -0.15 -14.90 20.16
N ARG B 44 0.90 -15.35 20.83
CA ARG B 44 0.85 -15.55 22.27
C ARG B 44 2.23 -15.42 22.90
N HIS B 45 2.27 -15.05 24.17
CA HIS B 45 3.51 -15.08 24.93
C HIS B 45 3.74 -16.51 25.44
N VAL B 46 4.90 -17.07 25.08
CA VAL B 46 5.25 -18.44 25.47
C VAL B 46 5.18 -18.65 26.99
N LYS B 47 5.87 -17.79 27.72
CA LYS B 47 6.04 -17.97 29.16
C LYS B 47 4.82 -17.54 30.00
N THR B 48 3.75 -17.06 29.36
CA THR B 48 2.57 -16.65 30.12
C THR B 48 1.23 -16.85 29.42
N GLY B 49 1.26 -17.24 28.15
CA GLY B 49 0.04 -17.53 27.41
C GLY B 49 -0.85 -16.35 27.12
N GLN B 50 -0.33 -15.14 27.36
CA GLN B 50 -1.04 -13.91 27.06
C GLN B 50 -1.10 -13.68 25.54
N LEU B 51 -2.30 -13.40 25.04
CA LEU B 51 -2.50 -13.14 23.61
C LEU B 51 -1.86 -11.83 23.17
N ALA B 52 -1.28 -11.84 21.98
CA ALA B 52 -0.66 -10.64 21.41
C ALA B 52 -0.83 -10.62 19.89
N ALA B 53 -0.93 -9.43 19.32
CA ALA B 53 -0.98 -9.28 17.86
C ALA B 53 0.43 -9.13 17.31
N ILE B 54 0.76 -9.87 16.26
CA ILE B 54 2.10 -9.88 15.72
C ILE B 54 2.16 -9.60 14.22
N LYS B 55 2.84 -8.52 13.85
CA LYS B 55 2.97 -8.12 12.45
C LYS B 55 4.25 -8.73 11.89
N VAL B 56 4.11 -9.48 10.81
CA VAL B 56 5.23 -10.22 10.25
C VAL B 56 5.54 -9.74 8.84
N MET B 57 6.78 -9.31 8.64
CA MET B 57 7.20 -8.83 7.34
C MET B 57 8.55 -9.44 6.98
N ASP B 58 8.79 -9.58 5.68
CA ASP B 58 10.06 -10.10 5.19
C ASP B 58 11.04 -8.95 5.01
N VAL B 59 12.23 -9.10 5.56
CA VAL B 59 13.26 -8.07 5.45
C VAL B 59 14.55 -8.65 4.89
N THR B 60 15.25 -7.84 4.10
CA THR B 60 16.56 -8.20 3.59
C THR B 60 17.60 -7.95 4.67
N GLU B 61 18.84 -8.34 4.41
CA GLU B 61 19.92 -8.09 5.37
C GLU B 61 20.31 -6.61 5.34
N ASP B 62 20.04 -5.96 4.22
CA ASP B 62 20.33 -4.53 4.06
C ASP B 62 19.36 -3.69 4.90
N GLU B 63 18.12 -4.16 5.01
CA GLU B 63 17.10 -3.47 5.79
C GLU B 63 17.27 -3.69 7.28
N GLU B 64 17.84 -4.83 7.65
CA GLU B 64 18.06 -5.14 9.07
C GLU B 64 19.04 -4.17 9.69
N GLU B 65 20.00 -3.71 8.90
CA GLU B 65 20.92 -2.68 9.35
C GLU B 65 20.17 -1.37 9.50
N GLU B 66 19.25 -1.11 8.57
CA GLU B 66 18.42 0.08 8.63
C GLU B 66 17.59 0.13 9.90
N ILE B 67 17.08 -1.03 10.34
CA ILE B 67 16.26 -1.02 11.54
C ILE B 67 17.10 -0.92 12.80
N LYS B 68 18.39 -1.24 12.69
CA LYS B 68 19.29 -1.08 13.82
C LYS B 68 19.48 0.40 14.07
N LEU B 69 19.63 1.15 12.98
CA LEU B 69 19.73 2.60 13.05
C LEU B 69 18.48 3.19 13.68
N GLU B 70 17.32 2.66 13.31
CA GLU B 70 16.06 3.23 13.78
C GLU B 70 15.78 2.86 15.23
N ILE B 71 16.40 1.80 15.71
CA ILE B 71 16.26 1.43 17.11
C ILE B 71 16.99 2.46 17.96
N ASN B 72 18.09 2.99 17.42
CA ASN B 72 18.80 4.08 18.08
C ASN B 72 17.97 5.34 18.20
N MET B 73 17.11 5.56 17.21
CA MET B 73 16.31 6.77 17.15
C MET B 73 15.05 6.66 18.00
N LEU B 74 14.77 5.47 18.53
CA LEU B 74 13.55 5.24 19.30
C LEU B 74 13.46 6.16 20.52
N LYS B 75 12.24 6.46 20.94
CA LYS B 75 12.02 7.16 22.18
C LYS B 75 11.23 6.22 23.09
N LYS B 76 11.47 6.32 24.40
CA LYS B 76 10.79 5.44 25.34
C LYS B 76 9.56 6.09 25.97
N TYR B 77 8.54 5.28 26.19
CA TYR B 77 7.33 5.74 26.83
C TYR B 77 6.60 4.57 27.49
N SER B 78 6.03 4.82 28.67
CA SER B 78 5.43 3.75 29.47
C SER B 78 4.14 3.19 28.84
N HIS B 79 3.56 2.18 29.50
CA HIS B 79 2.26 1.67 29.08
C HIS B 79 1.25 2.80 29.29
N HIS B 80 0.11 2.69 28.63
CA HIS B 80 -0.97 3.64 28.81
C HIS B 80 -2.23 2.97 28.29
N ARG B 81 -3.32 3.15 29.01
CA ARG B 81 -4.53 2.38 28.75
C ARG B 81 -5.21 2.68 27.41
N ASN B 82 -4.86 3.80 26.78
CA ASN B 82 -5.42 4.13 25.48
C ASN B 82 -4.49 3.79 24.33
N ILE B 83 -3.39 3.12 24.66
CA ILE B 83 -2.47 2.60 23.65
C ILE B 83 -2.35 1.09 23.76
N ALA B 84 -2.59 0.39 22.66
CA ALA B 84 -2.31 -1.04 22.58
C ALA B 84 -0.80 -1.21 22.71
N THR B 85 -0.38 -1.83 23.79
CA THR B 85 1.03 -1.81 24.20
C THR B 85 1.96 -2.47 23.19
N TYR B 86 3.01 -1.75 22.80
CA TYR B 86 4.04 -2.25 21.89
C TYR B 86 5.09 -3.03 22.64
N TYR B 87 5.16 -4.33 22.38
CA TYR B 87 6.03 -5.23 23.16
C TYR B 87 7.45 -5.35 22.62
N GLY B 88 7.67 -4.98 21.37
CA GLY B 88 9.03 -4.95 20.85
C GLY B 88 9.18 -5.54 19.46
N ALA B 89 10.40 -5.52 18.97
CA ALA B 89 10.71 -6.06 17.65
C ALA B 89 11.62 -7.28 17.74
N PHE B 90 11.32 -8.28 16.93
CA PHE B 90 12.08 -9.52 16.91
C PHE B 90 12.42 -9.90 15.47
N ILE B 91 13.51 -10.63 15.29
CA ILE B 91 13.85 -11.16 13.98
C ILE B 91 14.05 -12.67 14.00
N LYS B 92 13.26 -13.38 13.18
CA LYS B 92 13.37 -14.83 13.05
C LYS B 92 14.15 -15.20 11.79
N LYS B 93 15.44 -15.50 11.96
CA LYS B 93 16.34 -15.69 10.83
C LYS B 93 16.00 -16.90 9.94
N SER B 94 16.43 -16.81 8.68
CA SER B 94 16.25 -17.88 7.70
C SER B 94 17.64 -18.27 7.21
N PRO B 95 17.76 -19.43 6.49
CA PRO B 95 19.06 -19.86 5.96
C PRO B 95 19.80 -18.75 5.19
N PRO B 96 21.15 -18.79 5.19
CA PRO B 96 21.99 -17.74 4.59
C PRO B 96 21.64 -17.47 3.12
N GLY B 97 21.39 -16.21 2.80
CA GLY B 97 20.99 -15.84 1.45
C GLY B 97 19.53 -15.44 1.35
N HIS B 98 18.67 -16.18 2.05
CA HIS B 98 17.23 -15.93 2.07
C HIS B 98 16.86 -14.73 2.95
N ASP B 99 15.70 -14.13 2.66
CA ASP B 99 15.16 -13.02 3.44
C ASP B 99 14.60 -13.48 4.79
N ASP B 100 15.02 -12.81 5.86
CA ASP B 100 14.56 -13.16 7.21
C ASP B 100 13.16 -12.58 7.47
N GLN B 101 12.79 -12.52 8.75
CA GLN B 101 11.45 -12.02 9.11
C GLN B 101 11.48 -11.08 10.32
N LEU B 102 10.76 -9.97 10.19
CA LEU B 102 10.61 -9.01 11.28
C LEU B 102 9.28 -9.20 12.00
N TRP B 103 9.33 -9.33 13.32
CA TRP B 103 8.09 -9.42 14.11
C TRP B 103 7.90 -8.14 14.92
N LEU B 104 6.69 -7.61 14.89
CA LEU B 104 6.35 -6.46 15.73
C LEU B 104 5.16 -6.86 16.58
N VAL B 105 5.36 -6.91 17.89
CA VAL B 105 4.36 -7.46 18.80
C VAL B 105 3.63 -6.39 19.60
N MET B 106 2.32 -6.58 19.76
CA MET B 106 1.45 -5.60 20.37
C MET B 106 0.29 -6.26 21.12
N GLU B 107 -0.20 -5.57 22.15
CA GLU B 107 -1.38 -6.00 22.92
C GLU B 107 -2.57 -6.38 22.03
N PHE B 108 -3.33 -7.39 22.45
CA PHE B 108 -4.43 -7.91 21.65
C PHE B 108 -5.77 -7.27 22.02
N CYS B 109 -6.50 -6.82 21.01
CA CYS B 109 -7.84 -6.25 21.20
C CYS B 109 -8.82 -7.01 20.31
N GLY B 110 -9.82 -7.64 20.93
CA GLY B 110 -10.69 -8.56 20.23
C GLY B 110 -12.01 -8.03 19.69
N ALA B 111 -12.37 -6.79 20.02
CA ALA B 111 -13.63 -6.23 19.53
C ALA B 111 -13.49 -5.53 18.19
N GLY B 112 -12.29 -5.54 17.63
CA GLY B 112 -12.05 -4.97 16.32
C GLY B 112 -11.74 -3.49 16.33
N SER B 113 -11.97 -2.83 15.19
CA SER B 113 -11.62 -1.43 15.03
C SER B 113 -12.84 -0.53 15.11
N ILE B 114 -12.60 0.78 15.08
CA ILE B 114 -13.67 1.76 15.06
C ILE B 114 -14.36 1.79 13.69
N THR B 115 -13.62 1.42 12.64
CA THR B 115 -14.21 1.35 11.31
C THR B 115 -15.21 0.20 11.25
N ASP B 116 -14.83 -0.93 11.83
CA ASP B 116 -15.72 -2.08 11.94
C ASP B 116 -16.96 -1.65 12.72
N LEU B 117 -16.74 -0.93 13.82
CA LEU B 117 -17.83 -0.45 14.65
C LEU B 117 -18.85 0.36 13.85
N VAL B 118 -18.37 1.29 13.03
CA VAL B 118 -19.28 2.15 12.28
C VAL B 118 -19.96 1.40 11.11
N LYS B 119 -19.26 0.43 10.54
CA LYS B 119 -19.84 -0.43 9.50
C LYS B 119 -20.88 -1.38 10.08
N ASN B 120 -20.59 -1.95 11.24
CA ASN B 120 -21.50 -2.84 11.94
C ASN B 120 -22.52 -2.07 12.76
N THR B 121 -23.07 -1.01 12.17
CA THR B 121 -24.04 -0.14 12.82
C THR B 121 -24.97 0.36 11.74
N LYS B 122 -26.27 0.36 12.04
CA LYS B 122 -27.28 0.82 11.09
C LYS B 122 -26.99 2.25 10.65
N GLY B 123 -27.05 2.48 9.34
CA GLY B 123 -26.88 3.81 8.79
C GLY B 123 -25.43 4.28 8.76
N ASN B 124 -24.52 3.41 9.17
CA ASN B 124 -23.09 3.69 9.17
C ASN B 124 -22.76 5.02 9.84
N THR B 125 -23.19 5.16 11.08
CA THR B 125 -23.04 6.40 11.82
C THR B 125 -23.21 6.09 13.29
N LEU B 126 -22.37 6.71 14.12
CA LEU B 126 -22.42 6.49 15.55
C LEU B 126 -23.16 7.64 16.22
N LYS B 127 -23.69 7.39 17.40
CA LYS B 127 -24.33 8.44 18.19
C LYS B 127 -23.27 9.45 18.61
N GLU B 128 -23.67 10.71 18.69
CA GLU B 128 -22.72 11.79 18.95
C GLU B 128 -21.95 11.62 20.26
N ASP B 129 -22.59 11.08 21.30
CA ASP B 129 -21.89 10.90 22.57
C ASP B 129 -20.95 9.70 22.57
N TRP B 130 -21.18 8.77 21.65
CA TRP B 130 -20.21 7.73 21.34
C TRP B 130 -18.97 8.37 20.72
N ILE B 131 -19.19 9.29 19.78
CA ILE B 131 -18.10 9.95 19.08
C ILE B 131 -17.26 10.74 20.07
N ALA B 132 -17.94 11.50 20.94
CA ALA B 132 -17.27 12.21 22.02
C ALA B 132 -16.37 11.31 22.88
N TYR B 133 -16.91 10.16 23.30
CA TYR B 133 -16.20 9.26 24.19
C TYR B 133 -14.99 8.67 23.50
N ILE B 134 -15.20 8.15 22.30
CA ILE B 134 -14.12 7.55 21.53
C ILE B 134 -13.02 8.59 21.20
N SER B 135 -13.44 9.76 20.71
CA SER B 135 -12.48 10.84 20.40
C SER B 135 -11.59 11.21 21.58
N ARG B 136 -12.18 11.32 22.76
CA ARG B 136 -11.42 11.63 23.97
C ARG B 136 -10.39 10.56 24.32
N GLU B 137 -10.73 9.29 24.12
CA GLU B 137 -9.77 8.20 24.36
C GLU B 137 -8.58 8.31 23.40
N ILE B 138 -8.88 8.59 22.14
CA ILE B 138 -7.84 8.81 21.13
C ILE B 138 -6.94 9.95 21.56
N LEU B 139 -7.55 11.07 21.94
CA LEU B 139 -6.78 12.22 22.41
C LEU B 139 -5.88 11.89 23.62
N ARG B 140 -6.39 11.15 24.58
CA ARG B 140 -5.58 10.78 25.75
C ARG B 140 -4.40 9.89 25.38
N GLY B 141 -4.64 8.92 24.51
CA GLY B 141 -3.54 8.15 23.95
C GLY B 141 -2.49 9.02 23.26
N LEU B 142 -2.97 9.99 22.47
CA LEU B 142 -2.06 10.88 21.75
C LEU B 142 -1.33 11.86 22.68
N ALA B 143 -2.00 12.28 23.75
CA ALA B 143 -1.36 13.18 24.71
C ALA B 143 -0.14 12.49 25.32
N HIS B 144 -0.31 11.21 25.62
CA HIS B 144 0.78 10.40 26.17
C HIS B 144 1.93 10.25 25.17
N LEU B 145 1.60 10.05 23.90
CA LEU B 145 2.63 9.93 22.87
C LEU B 145 3.36 11.27 22.68
N HIS B 146 2.61 12.35 22.61
CA HIS B 146 3.17 13.66 22.34
C HIS B 146 4.00 14.20 23.49
N ILE B 147 3.60 13.90 24.72
CA ILE B 147 4.35 14.39 25.86
C ILE B 147 5.70 13.65 26.01
N HIS B 148 5.79 12.50 25.34
CA HIS B 148 7.04 11.76 25.27
C HIS B 148 7.70 11.95 23.89
N HIS B 149 7.32 13.02 23.19
CA HIS B 149 7.94 13.45 21.95
C HIS B 149 7.81 12.46 20.79
N VAL B 150 6.65 11.81 20.69
CA VAL B 150 6.41 10.85 19.62
C VAL B 150 5.15 11.25 18.85
N ILE B 151 5.26 11.29 17.53
CA ILE B 151 4.09 11.45 16.66
C ILE B 151 3.55 10.06 16.29
N HIS B 152 2.24 9.88 16.30
CA HIS B 152 1.66 8.60 15.89
C HIS B 152 1.70 8.37 14.38
N ARG B 153 1.35 9.41 13.63
CA ARG B 153 1.48 9.45 12.17
C ARG B 153 0.40 8.72 11.37
N ASP B 154 -0.40 7.87 12.01
CA ASP B 154 -1.44 7.16 11.26
C ASP B 154 -2.75 6.96 12.03
N ILE B 155 -3.34 8.07 12.49
CA ILE B 155 -4.60 8.02 13.19
C ILE B 155 -5.74 7.89 12.19
N LYS B 156 -6.52 6.82 12.35
CA LYS B 156 -7.75 6.61 11.60
C LYS B 156 -8.59 5.54 12.28
N GLY B 157 -9.85 5.41 11.86
CA GLY B 157 -10.74 4.40 12.40
C GLY B 157 -10.16 2.99 12.42
N GLN B 158 -9.45 2.62 11.36
CA GLN B 158 -8.87 1.28 11.27
C GLN B 158 -7.78 1.06 12.32
N ASN B 159 -7.11 2.14 12.73
CA ASN B 159 -6.01 2.04 13.68
C ASN B 159 -6.42 2.38 15.12
N VAL B 160 -7.72 2.45 15.35
CA VAL B 160 -8.21 2.57 16.72
C VAL B 160 -9.04 1.35 17.12
N LEU B 161 -8.58 0.65 18.15
CA LEU B 161 -9.14 -0.65 18.50
C LEU B 161 -10.02 -0.66 19.75
N LEU B 162 -11.04 -1.50 19.71
CA LEU B 162 -11.85 -1.78 20.90
C LEU B 162 -11.41 -3.11 21.49
N THR B 163 -11.37 -3.19 22.81
CA THR B 163 -11.17 -4.49 23.46
C THR B 163 -12.53 -5.09 23.77
N GLU B 164 -12.54 -6.30 24.31
CA GLU B 164 -13.78 -6.95 24.73
C GLU B 164 -14.29 -6.37 26.07
N ASN B 165 -13.97 -5.11 26.33
CA ASN B 165 -14.40 -4.41 27.53
C ASN B 165 -14.70 -2.94 27.21
N ALA B 166 -14.96 -2.68 25.93
CA ALA B 166 -15.18 -1.32 25.43
C ALA B 166 -14.04 -0.35 25.73
N GLU B 167 -12.84 -0.88 25.93
CA GLU B 167 -11.64 -0.06 26.04
C GLU B 167 -11.17 0.32 24.64
N VAL B 168 -10.81 1.59 24.49
CA VAL B 168 -10.38 2.15 23.22
C VAL B 168 -8.88 2.33 23.25
N LYS B 169 -8.19 1.70 22.30
CA LYS B 169 -6.73 1.71 22.28
C LYS B 169 -6.18 2.00 20.89
N LEU B 170 -5.18 2.87 20.82
CA LEU B 170 -4.46 3.15 19.58
C LEU B 170 -3.51 2.01 19.25
N VAL B 171 -3.44 1.67 17.95
CA VAL B 171 -2.48 0.69 17.43
C VAL B 171 -1.06 1.21 17.54
N ASP B 172 -0.19 0.43 18.20
CA ASP B 172 1.24 0.75 18.27
C ASP B 172 2.10 -0.45 17.89
N PHE B 173 2.67 -0.41 16.69
CA PHE B 173 3.67 -1.40 16.32
C PHE B 173 5.03 -0.75 16.27
N GLY B 174 5.26 0.17 17.19
CA GLY B 174 6.52 0.87 17.28
C GLY B 174 6.49 2.21 16.55
N VAL B 175 5.49 3.03 16.88
CA VAL B 175 5.27 4.29 16.18
C VAL B 175 6.44 5.26 16.28
N SER B 176 7.23 5.11 17.33
CA SER B 176 8.37 5.99 17.59
C SER B 176 9.40 5.99 16.47
N ALA B 177 9.70 4.81 15.93
CA ALA B 177 10.64 4.71 14.83
C ALA B 177 9.93 4.35 13.53
N GLN B 178 8.61 4.15 13.61
CA GLN B 178 7.83 3.79 12.43
C GLN B 178 8.44 2.59 11.72
N LEU B 179 8.66 1.50 12.45
CA LEU B 179 9.34 0.33 11.89
C LEU B 179 8.45 -0.40 10.89
N ASP B 180 7.13 -0.29 11.09
CA ASP B 180 6.19 -0.97 10.20
C ASP B 180 5.87 -0.18 8.92
N ARG B 181 6.48 0.99 8.77
CA ARG B 181 6.31 1.78 7.56
C ARG B 181 7.62 1.99 6.82
N THR B 182 8.72 1.51 7.40
CA THR B 182 10.05 1.89 6.94
C THR B 182 10.77 0.84 6.08
N VAL B 183 10.39 -0.43 6.20
CA VAL B 183 11.03 -1.49 5.44
C VAL B 183 9.99 -2.46 4.88
N GLY B 184 10.40 -3.31 3.94
CA GLY B 184 9.55 -4.36 3.43
C GLY B 184 8.76 -4.01 2.19
N ARG B 185 9.42 -3.30 1.27
CA ARG B 185 8.82 -2.88 -0.01
C ARG B 185 7.34 -2.45 0.07
N ARG B 186 6.98 -1.83 1.19
CA ARG B 186 5.67 -1.23 1.34
C ARG B 186 5.93 0.20 1.76
N ASN B 187 7.18 0.44 2.13
CA ASN B 187 7.69 1.74 2.52
C ASN B 187 7.88 2.68 1.33
N THR B 188 7.67 2.17 0.12
CA THR B 188 7.80 3.00 -1.07
C THR B 188 6.41 3.40 -1.56
N PHE B 189 5.40 3.01 -0.80
CA PHE B 189 4.02 3.27 -1.16
C PHE B 189 3.61 4.56 -0.50
N ILE B 190 2.81 5.35 -1.21
CA ILE B 190 2.32 6.59 -0.62
C ILE B 190 1.18 6.32 0.37
N GLY B 191 0.38 5.30 0.09
CA GLY B 191 -0.68 4.88 1.00
C GLY B 191 -2.00 5.62 0.80
N THR B 192 -2.86 5.55 1.81
CA THR B 192 -4.17 6.19 1.74
C THR B 192 -4.08 7.65 2.24
N PRO B 193 -4.62 8.59 1.45
CA PRO B 193 -4.47 10.02 1.71
C PRO B 193 -5.57 10.67 2.57
N TYR B 194 -6.67 9.98 2.85
CA TYR B 194 -7.87 10.62 3.40
C TYR B 194 -7.73 11.18 4.81
N TRP B 195 -6.80 10.66 5.58
CA TRP B 195 -6.61 11.08 6.98
C TRP B 195 -5.37 11.96 7.16
N MET B 196 -4.73 12.31 6.05
CA MET B 196 -3.50 13.08 6.04
C MET B 196 -3.77 14.56 6.25
N ALA B 197 -2.95 15.19 7.08
CA ALA B 197 -3.06 16.62 7.26
C ALA B 197 -2.43 17.29 6.05
N PRO B 198 -2.85 18.53 5.75
CA PRO B 198 -2.31 19.26 4.61
C PRO B 198 -0.78 19.28 4.57
N GLU B 199 -0.16 19.43 5.74
CA GLU B 199 1.28 19.64 5.83
C GLU B 199 2.14 18.41 5.53
N VAL B 200 1.55 17.23 5.57
CA VAL B 200 2.30 16.02 5.24
C VAL B 200 2.23 15.71 3.74
N ILE B 201 1.48 16.51 3.00
CA ILE B 201 1.39 16.32 1.56
C ILE B 201 2.26 17.35 0.86
N ALA B 202 3.15 16.86 0.01
CA ALA B 202 3.96 17.75 -0.82
C ALA B 202 3.06 18.29 -1.91
N CYS B 203 3.21 19.58 -2.18
CA CYS B 203 2.43 20.23 -3.21
C CYS B 203 3.10 21.56 -3.45
N ASP B 204 2.59 22.31 -4.42
CA ASP B 204 3.24 23.52 -4.92
C ASP B 204 3.64 24.50 -3.80
N GLU B 205 2.84 24.55 -2.74
CA GLU B 205 3.05 25.51 -1.67
C GLU B 205 3.86 24.92 -0.49
N ASN B 206 4.06 23.61 -0.52
CA ASN B 206 4.66 22.89 0.61
C ASN B 206 5.57 21.77 0.10
N PRO B 207 6.73 22.14 -0.46
CA PRO B 207 7.63 21.20 -1.14
C PRO B 207 8.22 20.14 -0.20
N ASP B 208 8.37 20.47 1.07
CA ASP B 208 8.85 19.51 2.05
C ASP B 208 7.77 19.19 3.07
N ALA B 209 7.23 17.99 2.96
CA ALA B 209 6.16 17.52 3.81
C ALA B 209 6.61 17.35 5.24
N THR B 210 6.39 18.39 6.05
CA THR B 210 6.71 18.37 7.47
C THR B 210 5.69 17.59 8.29
N TYR B 211 6.16 16.70 9.16
CA TYR B 211 5.30 16.01 10.13
C TYR B 211 5.44 16.69 11.50
N ASP B 212 4.33 16.87 12.18
CA ASP B 212 4.29 17.55 13.48
C ASP B 212 3.39 16.74 14.37
N TYR B 213 3.47 16.93 15.68
N TYR B 213 3.51 16.93 15.69
CA TYR B 213 2.56 16.26 16.59
CA TYR B 213 2.56 16.33 16.63
C TYR B 213 1.11 16.68 16.32
C TYR B 213 1.14 16.65 16.21
N ARG B 214 0.93 17.90 15.83
CA ARG B 214 -0.40 18.40 15.50
C ARG B 214 -1.02 17.78 14.25
N SER B 215 -0.22 17.08 13.45
CA SER B 215 -0.74 16.30 12.33
C SER B 215 -1.74 15.24 12.82
N ASP B 216 -1.46 14.65 13.97
CA ASP B 216 -2.36 13.66 14.57
C ASP B 216 -3.74 14.23 14.89
N LEU B 217 -3.78 15.51 15.27
CA LEU B 217 -5.03 16.17 15.64
C LEU B 217 -5.92 16.43 14.43
N TRP B 218 -5.30 16.67 13.28
CA TRP B 218 -6.07 16.75 12.03
C TRP B 218 -6.69 15.41 11.72
N SER B 219 -5.89 14.36 11.85
CA SER B 219 -6.34 13.01 11.55
C SER B 219 -7.41 12.60 12.54
N CYS B 220 -7.27 13.07 13.78
CA CYS B 220 -8.26 12.81 14.81
C CYS B 220 -9.61 13.39 14.38
N GLY B 221 -9.60 14.65 13.93
CA GLY B 221 -10.80 15.29 13.41
C GLY B 221 -11.40 14.58 12.21
N ILE B 222 -10.57 14.05 11.33
CA ILE B 222 -11.03 13.26 10.20
C ILE B 222 -11.70 11.97 10.69
N THR B 223 -11.10 11.37 11.70
CA THR B 223 -11.63 10.15 12.30
C THR B 223 -13.01 10.41 12.94
N ALA B 224 -13.23 11.62 13.43
CA ALA B 224 -14.53 11.99 13.98
C ALA B 224 -15.59 12.09 12.87
N ILE B 225 -15.21 12.66 11.74
CA ILE B 225 -16.10 12.67 10.60
C ILE B 225 -16.40 11.23 10.18
N GLU B 226 -15.36 10.39 10.22
CA GLU B 226 -15.49 8.99 9.84
C GLU B 226 -16.52 8.28 10.73
N MET B 227 -16.46 8.52 12.03
CA MET B 227 -17.41 7.91 12.97
C MET B 227 -18.82 8.41 12.69
N ALA B 228 -18.92 9.67 12.31
CA ALA B 228 -20.20 10.31 12.10
C ALA B 228 -20.87 9.92 10.79
N GLU B 229 -20.07 9.55 9.79
CA GLU B 229 -20.58 9.38 8.44
C GLU B 229 -20.20 8.02 7.81
N GLY B 230 -19.28 7.30 8.44
CA GLY B 230 -18.88 6.00 7.94
C GLY B 230 -17.63 6.05 7.07
N ALA B 231 -17.31 7.24 6.60
CA ALA B 231 -16.20 7.42 5.68
C ALA B 231 -15.61 8.81 5.84
N PRO B 232 -14.28 8.94 5.66
CA PRO B 232 -13.60 10.24 5.71
C PRO B 232 -14.07 11.08 4.54
N PRO B 233 -13.93 12.40 4.66
CA PRO B 233 -14.26 13.30 3.53
C PRO B 233 -13.53 12.87 2.27
N LEU B 234 -14.10 13.16 1.10
CA LEU B 234 -13.46 12.88 -0.18
C LEU B 234 -13.26 11.38 -0.48
N CYS B 235 -14.00 10.51 0.19
CA CYS B 235 -13.89 9.07 -0.03
C CYS B 235 -14.38 8.67 -1.43
N ASP B 236 -15.19 9.53 -2.02
N ASP B 236 -15.21 9.50 -2.03
CA ASP B 236 -15.73 9.31 -3.37
CA ASP B 236 -15.71 9.23 -3.38
C ASP B 236 -14.69 9.61 -4.43
C ASP B 236 -14.63 9.52 -4.42
N MET B 237 -13.62 10.27 -4.01
CA MET B 237 -12.56 10.73 -4.91
C MET B 237 -11.49 9.67 -5.14
N HIS B 238 -10.95 9.62 -6.36
CA HIS B 238 -9.74 8.84 -6.62
C HIS B 238 -8.67 9.38 -5.69
N PRO B 239 -7.94 8.49 -5.01
CA PRO B 239 -6.96 8.90 -3.98
C PRO B 239 -5.92 9.94 -4.44
N MET B 240 -5.48 9.90 -5.70
CA MET B 240 -4.55 10.91 -6.19
C MET B 240 -5.23 12.26 -6.28
N ARG B 241 -6.49 12.26 -6.71
CA ARG B 241 -7.28 13.49 -6.71
C ARG B 241 -7.49 14.06 -5.30
N ALA B 242 -7.77 13.18 -4.33
CA ALA B 242 -7.95 13.62 -2.95
C ALA B 242 -6.68 14.24 -2.40
N LEU B 243 -5.56 13.60 -2.69
CA LEU B 243 -4.24 14.07 -2.24
C LEU B 243 -3.96 15.48 -2.75
N PHE B 244 -4.39 15.74 -3.98
CA PHE B 244 -4.31 17.06 -4.57
C PHE B 244 -5.26 18.06 -3.90
N LEU B 245 -6.47 17.62 -3.58
CA LEU B 245 -7.50 18.51 -3.01
C LEU B 245 -7.29 18.89 -1.54
N ILE B 246 -6.74 17.97 -0.75
CA ILE B 246 -6.60 18.18 0.70
C ILE B 246 -5.85 19.45 1.13
N PRO B 247 -4.70 19.75 0.51
CA PRO B 247 -4.04 21.01 0.87
C PRO B 247 -4.72 22.23 0.26
N ARG B 248 -5.65 22.01 -0.66
CA ARG B 248 -6.25 23.11 -1.40
C ARG B 248 -7.65 23.48 -0.92
N ASN B 249 -8.47 22.46 -0.67
CA ASN B 249 -9.81 22.71 -0.15
C ASN B 249 -9.80 23.45 1.18
N PRO B 250 -10.83 24.24 1.44
CA PRO B 250 -11.04 24.69 2.82
C PRO B 250 -11.21 23.47 3.72
N PRO B 251 -11.10 23.66 5.04
CA PRO B 251 -11.30 22.54 5.96
C PRO B 251 -12.61 21.81 5.68
N PRO B 252 -12.57 20.48 5.71
CA PRO B 252 -13.78 19.67 5.51
C PRO B 252 -14.82 19.86 6.64
N ARG B 253 -16.07 19.49 6.37
CA ARG B 253 -17.20 19.67 7.28
C ARG B 253 -18.11 18.45 7.29
N LEU B 254 -18.84 18.25 8.39
CA LEU B 254 -19.91 17.27 8.42
C LEU B 254 -20.97 17.66 7.40
N LYS B 255 -21.53 16.67 6.68
CA LYS B 255 -22.56 16.92 5.69
C LYS B 255 -23.86 17.39 6.33
N SER B 256 -24.29 16.66 7.35
CA SER B 256 -25.59 16.88 7.97
C SER B 256 -25.56 18.03 8.97
N LYS B 257 -26.70 18.72 9.08
CA LYS B 257 -26.87 19.79 10.05
C LYS B 257 -27.48 19.30 11.36
N LYS B 258 -27.69 17.99 11.46
CA LYS B 258 -28.31 17.42 12.65
C LYS B 258 -27.44 17.55 13.90
N TRP B 259 -26.12 17.63 13.71
CA TRP B 259 -25.17 17.54 14.81
C TRP B 259 -25.20 18.76 15.73
N SER B 260 -24.78 18.57 16.98
CA SER B 260 -24.78 19.66 17.95
C SER B 260 -23.79 20.75 17.59
N LYS B 261 -23.92 21.91 18.23
CA LYS B 261 -23.00 22.99 18.01
C LYS B 261 -21.60 22.61 18.51
N LYS B 262 -21.57 21.90 19.63
CA LYS B 262 -20.32 21.45 20.24
C LYS B 262 -19.53 20.54 19.30
N PHE B 263 -20.25 19.67 18.59
CA PHE B 263 -19.59 18.72 17.69
C PHE B 263 -18.94 19.45 16.51
N PHE B 264 -19.70 20.31 15.82
CA PHE B 264 -19.15 21.13 14.74
C PHE B 264 -17.91 21.91 15.18
N SER B 265 -17.97 22.50 16.37
CA SER B 265 -16.86 23.30 16.89
C SER B 265 -15.63 22.45 17.16
N PHE B 266 -15.84 21.21 17.57
CA PHE B 266 -14.72 20.31 17.81
C PHE B 266 -14.04 19.96 16.48
N ILE B 267 -14.85 19.65 15.47
CA ILE B 267 -14.37 19.29 14.13
C ILE B 267 -13.55 20.44 13.56
N GLU B 268 -14.14 21.64 13.60
CA GLU B 268 -13.46 22.88 13.25
C GLU B 268 -12.20 23.09 14.10
N GLY B 269 -12.23 22.68 15.36
CA GLY B 269 -11.07 22.75 16.23
C GLY B 269 -9.90 21.88 15.75
N CYS B 270 -10.21 20.69 15.23
CA CYS B 270 -9.20 19.76 14.75
C CYS B 270 -8.66 20.17 13.37
N LEU B 271 -9.57 20.54 12.48
CA LEU B 271 -9.26 20.71 11.09
C LEU B 271 -8.87 22.15 10.72
N VAL B 272 -7.89 22.69 11.45
CA VAL B 272 -7.29 23.96 11.10
C VAL B 272 -6.23 23.64 10.03
N LYS B 273 -6.38 24.22 8.84
CA LYS B 273 -5.50 23.92 7.70
C LYS B 273 -4.02 24.09 8.04
N ASN B 274 -3.65 25.29 8.48
CA ASN B 274 -2.28 25.62 8.85
C ASN B 274 -1.99 25.03 10.22
N TYR B 275 -1.05 24.08 10.27
CA TYR B 275 -0.74 23.36 11.51
C TYR B 275 -0.18 24.27 12.59
N MET B 276 0.51 25.33 12.17
CA MET B 276 1.04 26.32 13.12
C MET B 276 -0.07 27.01 13.94
N GLN B 277 -1.32 26.91 13.47
CA GLN B 277 -2.44 27.57 14.13
C GLN B 277 -3.50 26.55 14.61
N ARG B 278 -3.09 25.29 14.64
CA ARG B 278 -3.91 24.20 15.13
C ARG B 278 -3.58 23.98 16.60
N PRO B 279 -4.59 23.78 17.45
CA PRO B 279 -4.37 23.58 18.89
C PRO B 279 -3.61 22.30 19.20
N SER B 280 -3.03 22.23 20.39
CA SER B 280 -2.36 21.02 20.87
C SER B 280 -3.37 20.02 21.41
N THR B 281 -2.88 18.82 21.74
CA THR B 281 -3.71 17.78 22.31
C THR B 281 -4.36 18.23 23.63
N GLU B 282 -3.58 18.92 24.44
CA GLU B 282 -4.01 19.41 25.75
C GLU B 282 -5.19 20.37 25.63
N GLN B 283 -5.10 21.31 24.69
CA GLN B 283 -6.19 22.23 24.43
C GLN B 283 -7.46 21.51 23.96
N LEU B 284 -7.31 20.52 23.09
CA LEU B 284 -8.48 19.84 22.56
C LEU B 284 -9.13 18.94 23.61
N LEU B 285 -8.34 18.45 24.56
CA LEU B 285 -8.89 17.65 25.66
C LEU B 285 -9.82 18.49 26.54
N LYS B 286 -9.64 19.81 26.52
CA LYS B 286 -10.50 20.72 27.26
C LYS B 286 -11.70 21.25 26.46
N HIS B 287 -11.81 20.84 25.19
CA HIS B 287 -12.94 21.28 24.37
C HIS B 287 -14.24 20.71 24.94
N PRO B 288 -15.28 21.56 25.08
CA PRO B 288 -16.54 21.19 25.74
C PRO B 288 -17.14 19.87 25.24
N PHE B 289 -16.94 19.57 23.96
CA PHE B 289 -17.44 18.34 23.35
C PHE B 289 -16.68 17.11 23.88
N ILE B 290 -15.43 17.31 24.23
CA ILE B 290 -14.58 16.24 24.75
C ILE B 290 -14.60 16.23 26.27
N ARG B 291 -14.64 17.43 26.83
CA ARG B 291 -14.54 17.62 28.26
C ARG B 291 -15.83 17.26 29.01
N ASP B 292 -16.97 17.69 28.48
CA ASP B 292 -18.27 17.53 29.15
C ASP B 292 -19.04 16.32 28.65
N GLN B 293 -18.86 15.16 29.28
CA GLN B 293 -19.57 13.97 28.83
C GLN B 293 -20.45 13.36 29.93
N PRO B 294 -21.62 13.97 30.16
CA PRO B 294 -22.52 13.55 31.25
C PRO B 294 -22.99 12.10 31.15
N ASN B 295 -23.18 11.58 29.93
CA ASN B 295 -23.66 10.21 29.75
C ASN B 295 -22.55 9.18 29.55
N GLU B 296 -21.33 9.53 29.97
CA GLU B 296 -20.16 8.68 29.76
C GLU B 296 -20.39 7.23 30.19
N ARG B 297 -20.83 7.05 31.43
CA ARG B 297 -21.02 5.71 31.99
C ARG B 297 -21.99 4.89 31.16
N GLN B 298 -23.11 5.49 30.79
CA GLN B 298 -24.12 4.81 29.99
C GLN B 298 -23.59 4.46 28.60
N VAL B 299 -22.75 5.35 28.05
CA VAL B 299 -22.12 5.14 26.75
C VAL B 299 -21.14 3.96 26.78
N ARG B 300 -20.31 3.91 27.82
CA ARG B 300 -19.41 2.76 28.04
C ARG B 300 -20.21 1.46 28.11
N ILE B 301 -21.39 1.52 28.72
CA ILE B 301 -22.30 0.38 28.75
C ILE B 301 -22.84 0.05 27.36
N GLN B 302 -23.41 1.06 26.71
CA GLN B 302 -23.96 0.92 25.36
C GLN B 302 -22.99 0.26 24.38
N LEU B 303 -21.70 0.59 24.50
CA LEU B 303 -20.66 0.01 23.65
C LEU B 303 -20.40 -1.44 24.01
N LYS B 304 -20.42 -1.74 25.30
CA LYS B 304 -20.26 -3.12 25.77
C LYS B 304 -21.32 -4.03 25.14
N ASP B 305 -22.58 -3.58 25.18
CA ASP B 305 -23.69 -4.32 24.57
C ASP B 305 -23.48 -4.58 23.09
N HIS B 306 -23.05 -3.55 22.38
CA HIS B 306 -22.89 -3.60 20.94
C HIS B 306 -21.82 -4.62 20.55
N ILE B 307 -20.78 -4.67 21.37
CA ILE B 307 -19.69 -5.62 21.16
C ILE B 307 -20.16 -7.06 21.38
N ASP B 308 -21.06 -7.23 22.34
CA ASP B 308 -21.54 -8.55 22.73
C ASP B 308 -22.56 -9.15 21.76
N ARG B 309 -23.52 -8.35 21.32
CA ARG B 309 -24.50 -8.84 20.35
C ARG B 309 -23.88 -9.09 18.98
N THR B 310 -22.77 -8.41 18.68
CA THR B 310 -22.03 -8.62 17.43
C THR B 310 -21.34 -9.99 17.44
N ARG B 311 -20.93 -10.42 18.62
CA ARG B 311 -20.19 -11.68 18.79
C ARG B 311 -21.06 -12.93 18.60
N LYS B 312 -22.37 -12.78 18.80
CA LYS B 312 -23.29 -13.90 18.65
C LYS B 312 -23.57 -14.21 17.18
#